data_2GOU
#
_entry.id   2GOU
#
_cell.length_a   48.454
_cell.length_b   83.600
_cell.length_c   87.532
_cell.angle_alpha   90.00
_cell.angle_beta   90.00
_cell.angle_gamma   90.00
#
_symmetry.space_group_name_H-M   'P 21 21 21'
#
loop_
_entity.id
_entity.type
_entity.pdbx_description
1 polymer 'oxidoreductase, FMN-binding'
2 non-polymer 'octyl beta-D-glucopyranoside'
3 non-polymer 'SULFATE ION'
4 non-polymer 'FLAVIN MONONUCLEOTIDE'
5 non-polymer 2-{2-[2-(2-{2-[2-(2-ETHOXY-ETHOXY)-ETHOXY]-ETHOXY}-ETHOXY)-ETHOXY]-ETHOXY}-ETHANOL
6 non-polymer 2-AMINO-2-HYDROXYMETHYL-PROPANE-1,3-DIOL
7 water water
#
_entity_poly.entity_id   1
_entity_poly.type   'polypeptide(L)'
_entity_poly.pdbx_seq_one_letter_code
;MTQSLFQPITLGALTLKNRIVMPPMTRSRASQPGDVANHMMAIYYAQRASAGLIVSEGTQISPTAKGYAWTPGIYTPEQI
AGWRIVTEAVHAKGCAIFAQLWHVGRVTHPDNIDGQQPISSSTLKAENVKVFVDNGSDEPGFVDVAVPRAMTKADIAQVI
ADYRQAALNAMEAGFDGIELHAANGYLINQFIDSEANNRSDEYGGSLENRLRFLDEVVAALVDAIGAERVGVRLAPLTTL
NGTVDADPILTYTAAAALLNKHRIVYLHIAEVDWDDAPDTPVSFKRALREAYQGVLIYAGRYNAEKAEQAINDGLADMIG
FGRPFIANPDLPERLRHGYPLAEHVPATLFGGGEKGLTDYPTYQA
;
_entity_poly.pdbx_strand_id   A
#
loop_
_chem_comp.id
_chem_comp.type
_chem_comp.name
_chem_comp.formula
BOG D-saccharide 'octyl beta-D-glucopyranoside' 'C14 H28 O6'
FMN non-polymer 'FLAVIN MONONUCLEOTIDE' 'C17 H21 N4 O9 P'
PE4 non-polymer 2-{2-[2-(2-{2-[2-(2-ETHOXY-ETHOXY)-ETHOXY]-ETHOXY}-ETHOXY)-ETHOXY]-ETHOXY}-ETHANOL 'C16 H34 O8'
SO4 non-polymer 'SULFATE ION' 'O4 S -2'
TRS non-polymer 2-AMINO-2-HYDROXYMETHYL-PROPANE-1,3-DIOL 'C4 H12 N O3 1'
#
# COMPACT_ATOMS: atom_id res chain seq x y z
N MET A 1 24.53 -11.67 -2.31
CA MET A 1 24.33 -13.04 -1.77
C MET A 1 23.24 -13.03 -0.70
N THR A 2 22.77 -11.83 -0.39
CA THR A 2 21.69 -11.61 0.57
C THR A 2 22.03 -11.66 2.05
N GLN A 3 23.30 -11.49 2.41
CA GLN A 3 23.64 -11.53 3.83
C GLN A 3 22.90 -10.45 4.61
N SER A 4 22.94 -9.21 4.14
CA SER A 4 22.23 -8.14 4.84
C SER A 4 20.72 -8.33 4.77
N LEU A 5 20.24 -8.87 3.65
CA LEU A 5 18.82 -9.08 3.47
C LEU A 5 18.27 -10.02 4.55
N PHE A 6 19.13 -10.90 5.06
CA PHE A 6 18.71 -11.85 6.08
C PHE A 6 19.12 -11.51 7.50
N GLN A 7 19.35 -10.22 7.72
CA GLN A 7 19.64 -9.68 9.04
C GLN A 7 18.30 -9.19 9.58
N PRO A 8 18.07 -9.34 10.89
CA PRO A 8 16.81 -8.89 11.47
C PRO A 8 16.81 -7.36 11.53
N ILE A 9 15.68 -6.78 11.93
CA ILE A 9 15.59 -5.33 12.03
C ILE A 9 14.48 -4.97 13.00
N THR A 10 14.67 -3.89 13.73
CA THR A 10 13.68 -3.43 14.67
C THR A 10 12.73 -2.49 13.95
N LEU A 11 11.44 -2.68 14.19
CA LEU A 11 10.42 -1.82 13.60
C LEU A 11 9.56 -1.38 14.77
N GLY A 12 9.89 -0.23 15.35
CA GLY A 12 9.14 0.24 16.49
C GLY A 12 9.39 -0.69 17.67
N ALA A 13 8.32 -1.27 18.20
CA ALA A 13 8.44 -2.18 19.33
C ALA A 13 8.58 -3.63 18.87
N LEU A 14 8.64 -3.83 17.56
CA LEU A 14 8.76 -5.17 16.98
C LEU A 14 10.18 -5.48 16.52
N THR A 15 10.53 -6.77 16.49
CA THR A 15 11.83 -7.20 16.01
C THR A 15 11.59 -8.20 14.88
N LEU A 16 11.72 -7.72 13.65
CA LEU A 16 11.47 -8.52 12.46
C LEU A 16 12.60 -9.50 12.14
N LYS A 17 12.23 -10.64 11.58
CA LYS A 17 13.16 -11.71 11.26
C LYS A 17 14.17 -11.45 10.16
N ASN A 18 13.80 -10.63 9.18
CA ASN A 18 14.70 -10.31 8.09
C ASN A 18 14.25 -8.99 7.46
N ARG A 19 14.93 -8.59 6.39
CA ARG A 19 14.65 -7.31 5.72
C ARG A 19 13.69 -7.42 4.54
N ILE A 20 13.04 -8.57 4.40
CA ILE A 20 12.12 -8.79 3.29
C ILE A 20 10.70 -8.42 3.63
N VAL A 21 10.09 -7.67 2.73
CA VAL A 21 8.71 -7.24 2.92
C VAL A 21 7.81 -7.81 1.82
N MET A 22 6.63 -8.25 2.22
CA MET A 22 5.63 -8.66 1.25
C MET A 22 4.84 -7.35 1.14
N PRO A 23 4.98 -6.64 0.02
CA PRO A 23 4.29 -5.37 -0.17
C PRO A 23 2.80 -5.56 -0.36
N PRO A 24 2.02 -4.49 -0.17
CA PRO A 24 0.57 -4.56 -0.31
C PRO A 24 0.15 -4.96 -1.71
N MET A 25 -0.67 -6.00 -1.82
CA MET A 25 -1.11 -6.43 -3.14
C MET A 25 -2.57 -6.86 -3.17
N THR A 26 -3.37 -6.01 -3.81
CA THR A 26 -4.79 -6.27 -4.02
C THR A 26 -4.98 -7.58 -4.76
N ARG A 27 -5.80 -8.47 -4.20
CA ARG A 27 -6.09 -9.76 -4.85
C ARG A 27 -7.59 -9.91 -5.11
N SER A 28 -8.39 -8.98 -4.58
CA SER A 28 -9.83 -8.99 -4.77
C SER A 28 -10.47 -10.36 -4.54
N ARG A 29 -10.22 -10.91 -3.35
CA ARG A 29 -10.76 -12.20 -2.96
C ARG A 29 -11.72 -12.07 -1.78
N ALA A 30 -12.08 -10.84 -1.41
CA ALA A 30 -12.97 -10.66 -0.25
C ALA A 30 -14.35 -11.26 -0.44
N SER A 31 -14.87 -11.83 0.64
CA SER A 31 -16.18 -12.46 0.62
C SER A 31 -17.30 -11.48 0.36
N GLN A 32 -18.30 -11.97 -0.36
CA GLN A 32 -19.48 -11.19 -0.73
C GLN A 32 -20.73 -11.85 -0.14
N PRO A 33 -21.68 -11.04 0.33
CA PRO A 33 -21.57 -9.58 0.29
C PRO A 33 -20.82 -9.09 1.53
N GLY A 34 -20.44 -7.81 1.51
CA GLY A 34 -19.76 -7.27 2.66
C GLY A 34 -18.28 -6.97 2.54
N ASP A 35 -17.63 -7.44 1.47
CA ASP A 35 -16.20 -7.23 1.25
C ASP A 35 -15.42 -7.60 2.51
N VAL A 36 -15.59 -8.85 2.93
CA VAL A 36 -14.98 -9.33 4.16
C VAL A 36 -13.76 -10.23 3.97
N ALA A 37 -12.66 -9.91 4.65
CA ALA A 37 -11.46 -10.74 4.59
C ALA A 37 -11.90 -12.12 5.06
N ASN A 38 -11.27 -13.16 4.52
CA ASN A 38 -11.72 -14.51 4.80
C ASN A 38 -10.65 -15.58 4.98
N HIS A 39 -11.10 -16.82 5.05
CA HIS A 39 -10.25 -17.98 5.25
C HIS A 39 -9.14 -18.09 4.23
N MET A 40 -9.47 -18.03 2.95
CA MET A 40 -8.44 -18.20 1.94
C MET A 40 -7.40 -17.09 2.02
N MET A 41 -7.82 -15.89 2.38
CA MET A 41 -6.86 -14.79 2.51
C MET A 41 -5.96 -15.06 3.71
N ALA A 42 -6.52 -15.61 4.79
CA ALA A 42 -5.70 -15.91 5.96
C ALA A 42 -4.64 -16.96 5.61
N ILE A 43 -5.03 -17.97 4.83
CA ILE A 43 -4.09 -19.01 4.41
C ILE A 43 -3.02 -18.38 3.52
N TYR A 44 -3.46 -17.57 2.57
CA TYR A 44 -2.58 -16.87 1.64
C TYR A 44 -1.49 -16.08 2.37
N TYR A 45 -1.87 -15.27 3.35
CA TYR A 45 -0.88 -14.49 4.06
C TYR A 45 -0.02 -15.36 4.98
N ALA A 46 -0.62 -16.35 5.64
CA ALA A 46 0.14 -17.21 6.52
C ALA A 46 1.21 -18.00 5.75
N GLN A 47 0.91 -18.33 4.50
CA GLN A 47 1.85 -19.06 3.64
C GLN A 47 3.08 -18.23 3.35
N ARG A 48 2.95 -16.92 3.50
CA ARG A 48 4.03 -15.99 3.19
C ARG A 48 4.63 -15.32 4.41
N ALA A 49 4.33 -15.88 5.58
CA ALA A 49 4.79 -15.33 6.85
C ALA A 49 6.28 -15.45 7.15
N SER A 50 7.06 -15.98 6.21
CA SER A 50 8.50 -16.01 6.42
C SER A 50 9.07 -14.65 6.04
N ALA A 51 8.24 -13.76 5.52
CA ALA A 51 8.66 -12.40 5.23
C ALA A 51 8.95 -11.76 6.58
N GLY A 52 9.77 -10.71 6.60
CA GLY A 52 10.03 -10.02 7.85
C GLY A 52 8.80 -9.20 8.22
N LEU A 53 8.14 -8.66 7.20
CA LEU A 53 6.94 -7.85 7.39
C LEU A 53 5.98 -8.05 6.24
N ILE A 54 4.70 -8.23 6.56
CA ILE A 54 3.67 -8.34 5.55
C ILE A 54 2.84 -7.07 5.63
N VAL A 55 2.61 -6.46 4.48
CA VAL A 55 1.72 -5.30 4.43
C VAL A 55 0.51 -5.83 3.66
N SER A 56 -0.67 -5.71 4.25
CA SER A 56 -1.86 -6.21 3.60
C SER A 56 -2.18 -5.44 2.33
N GLU A 57 -2.97 -6.10 1.49
CA GLU A 57 -3.50 -5.48 0.30
C GLU A 57 -4.27 -4.25 0.79
N GLY A 58 -4.45 -3.27 -0.09
CA GLY A 58 -5.20 -2.09 0.28
C GLY A 58 -6.56 -2.49 0.82
N THR A 59 -6.97 -1.87 1.92
CA THR A 59 -8.26 -2.17 2.51
C THR A 59 -8.97 -0.82 2.70
N GLN A 60 -10.11 -0.67 2.02
CA GLN A 60 -10.84 0.60 2.05
C GLN A 60 -11.38 1.00 3.41
N ILE A 61 -11.24 2.29 3.70
CA ILE A 61 -11.65 2.84 4.99
C ILE A 61 -13.12 3.21 5.07
N SER A 62 -13.83 3.12 3.95
CA SER A 62 -15.25 3.47 3.91
C SER A 62 -15.84 2.97 2.60
N PRO A 63 -17.18 3.03 2.46
CA PRO A 63 -17.82 2.56 1.22
C PRO A 63 -17.36 3.32 -0.03
N THR A 64 -17.06 4.61 0.13
CA THR A 64 -16.65 5.42 -1.01
C THR A 64 -15.15 5.51 -1.23
N ALA A 65 -14.38 4.72 -0.47
CA ALA A 65 -12.93 4.70 -0.57
C ALA A 65 -12.44 3.56 -1.45
N LYS A 66 -13.37 2.71 -1.88
CA LYS A 66 -13.10 1.53 -2.69
C LYS A 66 -12.91 1.85 -4.17
N GLY A 67 -11.93 1.20 -4.81
CA GLY A 67 -11.69 1.45 -6.22
C GLY A 67 -11.83 0.23 -7.12
N TYR A 68 -11.79 -0.96 -6.54
CA TYR A 68 -11.85 -2.21 -7.31
C TYR A 68 -12.80 -3.20 -6.69
N ALA A 69 -13.41 -4.03 -7.52
CA ALA A 69 -14.34 -5.02 -7.03
C ALA A 69 -13.69 -6.02 -6.07
N TRP A 70 -14.46 -6.40 -5.06
CA TRP A 70 -14.08 -7.43 -4.10
C TRP A 70 -12.86 -7.20 -3.23
N THR A 71 -12.48 -5.95 -3.02
CA THR A 71 -11.36 -5.68 -2.12
C THR A 71 -11.95 -5.64 -0.70
N PRO A 72 -11.20 -6.11 0.29
CA PRO A 72 -11.68 -6.12 1.67
C PRO A 72 -11.73 -4.76 2.33
N GLY A 73 -12.80 -4.51 3.09
CA GLY A 73 -12.92 -3.26 3.80
C GLY A 73 -12.42 -3.43 5.23
N ILE A 74 -12.32 -2.32 5.96
CA ILE A 74 -11.87 -2.37 7.34
C ILE A 74 -12.70 -1.39 8.17
N TYR A 75 -13.98 -1.24 7.81
CA TYR A 75 -14.86 -0.32 8.52
C TYR A 75 -16.07 -0.95 9.20
N THR A 76 -16.46 -2.17 8.84
CA THR A 76 -17.60 -2.82 9.50
C THR A 76 -17.11 -3.84 10.52
N PRO A 77 -17.95 -4.19 11.50
CA PRO A 77 -17.53 -5.16 12.51
C PRO A 77 -17.13 -6.50 11.89
N GLU A 78 -17.88 -6.95 10.88
CA GLU A 78 -17.57 -8.22 10.22
C GLU A 78 -16.22 -8.13 9.49
N GLN A 79 -15.93 -6.99 8.88
CA GLN A 79 -14.66 -6.81 8.17
C GLN A 79 -13.49 -6.88 9.14
N ILE A 80 -13.65 -6.29 10.31
CA ILE A 80 -12.61 -6.30 11.33
C ILE A 80 -12.38 -7.74 11.76
N ALA A 81 -13.47 -8.49 11.95
CA ALA A 81 -13.38 -9.88 12.37
C ALA A 81 -12.72 -10.75 11.29
N GLY A 82 -13.01 -10.46 10.03
CA GLY A 82 -12.41 -11.23 8.94
C GLY A 82 -10.91 -11.00 8.97
N TRP A 83 -10.50 -9.74 9.14
CA TRP A 83 -9.08 -9.44 9.21
C TRP A 83 -8.45 -10.10 10.43
N ARG A 84 -9.21 -10.27 11.52
CA ARG A 84 -8.68 -10.92 12.71
C ARG A 84 -8.28 -12.36 12.39
N ILE A 85 -9.05 -13.03 11.54
CA ILE A 85 -8.70 -14.41 11.18
C ILE A 85 -7.34 -14.38 10.49
N VAL A 86 -7.14 -13.38 9.63
CA VAL A 86 -5.88 -13.24 8.91
C VAL A 86 -4.73 -12.94 9.87
N THR A 87 -4.88 -11.94 10.73
CA THR A 87 -3.76 -11.62 11.62
C THR A 87 -3.47 -12.75 12.60
N GLU A 88 -4.49 -13.48 13.04
CA GLU A 88 -4.24 -14.60 13.94
C GLU A 88 -3.42 -15.67 13.23
N ALA A 89 -3.76 -15.92 11.96
CA ALA A 89 -3.03 -16.94 11.20
C ALA A 89 -1.59 -16.52 10.98
N VAL A 90 -1.41 -15.25 10.60
CA VAL A 90 -0.08 -14.73 10.36
C VAL A 90 0.76 -14.73 11.64
N HIS A 91 0.15 -14.30 12.75
CA HIS A 91 0.88 -14.26 14.01
C HIS A 91 1.24 -15.65 14.50
N ALA A 92 0.42 -16.64 14.18
CA ALA A 92 0.70 -18.01 14.59
C ALA A 92 1.99 -18.47 13.91
N LYS A 93 2.29 -17.90 12.75
CA LYS A 93 3.48 -18.26 12.01
C LYS A 93 4.70 -17.42 12.42
N GLY A 94 4.47 -16.39 13.22
CA GLY A 94 5.56 -15.55 13.65
C GLY A 94 5.93 -14.57 12.56
N CYS A 95 5.18 -13.48 12.49
CA CYS A 95 5.42 -12.45 11.49
C CYS A 95 4.63 -11.23 11.89
N ALA A 96 5.09 -10.05 11.46
CA ALA A 96 4.39 -8.81 11.75
C ALA A 96 3.55 -8.48 10.51
N ILE A 97 2.38 -7.90 10.73
CA ILE A 97 1.53 -7.53 9.61
C ILE A 97 0.87 -6.19 9.85
N PHE A 98 0.98 -5.31 8.86
CA PHE A 98 0.40 -3.97 8.89
C PHE A 98 -0.74 -3.93 7.87
N ALA A 99 -1.81 -3.21 8.21
CA ALA A 99 -2.94 -3.07 7.30
C ALA A 99 -2.75 -1.82 6.44
N GLN A 100 -2.85 -1.95 5.12
CA GLN A 100 -2.72 -0.76 4.29
C GLN A 100 -4.07 -0.08 4.15
N LEU A 101 -4.21 1.07 4.82
CA LEU A 101 -5.47 1.83 4.79
C LEU A 101 -5.57 2.55 3.46
N TRP A 102 -6.69 2.32 2.79
CA TRP A 102 -6.89 2.82 1.45
C TRP A 102 -8.08 3.73 1.18
N HIS A 103 -7.82 4.79 0.43
CA HIS A 103 -8.90 5.63 -0.09
C HIS A 103 -8.37 5.92 -1.49
N VAL A 104 -9.08 5.42 -2.50
CA VAL A 104 -8.67 5.57 -3.89
C VAL A 104 -8.98 6.91 -4.53
N GLY A 105 -9.81 7.73 -3.89
CA GLY A 105 -10.16 8.99 -4.48
C GLY A 105 -10.81 8.79 -5.85
N ARG A 106 -10.29 9.47 -6.85
CA ARG A 106 -10.85 9.42 -8.20
C ARG A 106 -10.57 8.15 -8.98
N VAL A 107 -9.72 7.28 -8.46
CA VAL A 107 -9.41 6.05 -9.20
C VAL A 107 -10.40 4.97 -8.80
N THR A 108 -11.61 5.11 -9.34
CA THR A 108 -12.67 4.17 -9.08
C THR A 108 -13.78 4.43 -10.08
N HIS A 109 -14.88 3.71 -9.91
CA HIS A 109 -16.04 3.83 -10.77
C HIS A 109 -17.25 3.79 -9.84
N PRO A 110 -18.33 4.52 -10.18
CA PRO A 110 -19.51 4.52 -9.32
C PRO A 110 -20.01 3.13 -8.91
N ASP A 111 -19.84 2.14 -9.80
CA ASP A 111 -20.29 0.79 -9.48
C ASP A 111 -19.62 0.23 -8.23
N ASN A 112 -18.42 0.73 -7.92
CA ASN A 112 -17.69 0.25 -6.74
C ASN A 112 -17.95 1.04 -5.48
N ILE A 113 -18.62 2.19 -5.61
CA ILE A 113 -18.89 3.01 -4.45
C ILE A 113 -20.37 3.39 -4.32
N ASP A 114 -21.22 2.37 -4.44
CA ASP A 114 -22.67 2.54 -4.31
C ASP A 114 -23.29 3.58 -5.22
N GLY A 115 -22.77 3.72 -6.42
CA GLY A 115 -23.32 4.67 -7.37
C GLY A 115 -22.89 6.11 -7.16
N GLN A 116 -22.09 6.36 -6.12
CA GLN A 116 -21.64 7.70 -5.83
C GLN A 116 -20.59 8.20 -6.82
N GLN A 117 -20.47 9.51 -6.94
CA GLN A 117 -19.46 10.09 -7.80
C GLN A 117 -18.17 10.08 -6.97
N PRO A 118 -17.04 9.71 -7.59
CA PRO A 118 -15.76 9.67 -6.86
C PRO A 118 -15.37 11.05 -6.38
N ILE A 119 -14.54 11.10 -5.34
CA ILE A 119 -14.05 12.38 -4.83
C ILE A 119 -12.54 12.49 -5.03
N SER A 120 -12.06 13.72 -5.11
CA SER A 120 -10.63 13.95 -5.32
C SER A 120 -10.28 15.34 -4.81
N SER A 121 -9.03 15.73 -5.01
CA SER A 121 -8.61 17.07 -4.63
C SER A 121 -9.34 18.05 -5.55
N SER A 122 -9.46 17.68 -6.82
CA SER A 122 -10.11 18.52 -7.81
C SER A 122 -11.06 17.72 -8.69
N THR A 123 -11.55 18.33 -9.77
CA THR A 123 -12.47 17.64 -10.67
C THR A 123 -11.75 17.04 -11.88
N LEU A 124 -10.46 16.77 -11.71
CA LEU A 124 -9.66 16.19 -12.78
C LEU A 124 -9.77 14.70 -12.85
N LYS A 125 -10.14 14.19 -14.02
CA LYS A 125 -10.24 12.75 -14.19
C LYS A 125 -8.84 12.18 -14.40
N ALA A 126 -8.58 10.99 -13.86
CA ALA A 126 -7.29 10.35 -14.06
C ALA A 126 -7.29 9.91 -15.52
N GLU A 127 -6.31 10.38 -16.28
CA GLU A 127 -6.24 10.06 -17.71
C GLU A 127 -5.62 8.69 -18.01
N ASN A 128 -6.26 7.96 -18.91
CA ASN A 128 -5.79 6.64 -19.33
C ASN A 128 -5.65 5.69 -18.16
N VAL A 129 -6.68 5.64 -17.33
CA VAL A 129 -6.68 4.77 -16.16
C VAL A 129 -7.97 3.97 -16.12
N LYS A 130 -7.87 2.70 -15.75
CA LYS A 130 -9.03 1.85 -15.64
C LYS A 130 -9.00 1.11 -14.32
N VAL A 131 -10.18 0.76 -13.82
CA VAL A 131 -10.30 -0.03 -12.61
C VAL A 131 -11.19 -1.18 -13.06
N PHE A 132 -11.61 -2.03 -12.14
CA PHE A 132 -12.51 -3.10 -12.54
C PHE A 132 -13.66 -3.19 -11.57
N VAL A 133 -14.79 -3.66 -12.09
CA VAL A 133 -16.02 -3.77 -11.32
C VAL A 133 -16.60 -5.16 -11.41
N ASP A 134 -17.63 -5.40 -10.59
CA ASP A 134 -18.34 -6.68 -10.57
C ASP A 134 -19.49 -6.50 -11.57
N ASN A 135 -19.54 -7.35 -12.59
CA ASN A 135 -20.59 -7.24 -13.61
C ASN A 135 -21.46 -8.49 -13.77
N GLY A 136 -21.86 -9.10 -12.67
CA GLY A 136 -22.70 -10.29 -12.76
C GLY A 136 -21.93 -11.45 -13.36
N SER A 137 -20.75 -11.69 -12.83
CA SER A 137 -19.87 -12.77 -13.26
C SER A 137 -18.64 -12.72 -12.38
N ASP A 138 -17.87 -13.80 -12.34
CA ASP A 138 -16.69 -13.85 -11.51
C ASP A 138 -15.39 -13.43 -12.18
N GLU A 139 -15.49 -12.58 -13.20
CA GLU A 139 -14.30 -12.10 -13.90
C GLU A 139 -14.28 -10.58 -13.82
N PRO A 140 -13.15 -9.99 -13.40
CA PRO A 140 -13.05 -8.54 -13.31
C PRO A 140 -13.48 -7.85 -14.61
N GLY A 141 -14.36 -6.86 -14.48
CA GLY A 141 -14.81 -6.12 -15.64
C GLY A 141 -14.11 -4.78 -15.66
N PHE A 142 -13.13 -4.62 -16.54
CA PHE A 142 -12.40 -3.37 -16.61
C PHE A 142 -13.19 -2.23 -17.22
N VAL A 143 -13.14 -1.08 -16.56
CA VAL A 143 -13.86 0.09 -17.01
C VAL A 143 -13.02 1.34 -16.80
N ASP A 144 -13.37 2.39 -17.54
CA ASP A 144 -12.69 3.67 -17.42
C ASP A 144 -13.13 4.30 -16.11
N VAL A 145 -12.24 5.06 -15.49
CA VAL A 145 -12.61 5.74 -14.24
C VAL A 145 -13.56 6.88 -14.56
N ALA A 146 -14.22 7.39 -13.52
CA ALA A 146 -15.18 8.48 -13.69
C ALA A 146 -14.57 9.82 -13.29
N VAL A 147 -15.23 10.90 -13.68
CA VAL A 147 -14.78 12.26 -13.35
C VAL A 147 -15.20 12.50 -11.91
N PRO A 148 -14.23 12.87 -11.05
CA PRO A 148 -14.53 13.12 -9.63
C PRO A 148 -15.04 14.51 -9.34
N ARG A 149 -15.58 14.67 -8.14
CA ARG A 149 -16.02 15.97 -7.66
C ARG A 149 -14.93 16.36 -6.65
N ALA A 150 -14.68 17.66 -6.52
CA ALA A 150 -13.66 18.14 -5.60
C ALA A 150 -14.14 18.10 -4.16
N MET A 151 -13.29 17.61 -3.26
CA MET A 151 -13.62 17.52 -1.86
C MET A 151 -13.84 18.87 -1.20
N THR A 152 -14.83 18.93 -0.32
CA THR A 152 -15.11 20.14 0.42
C THR A 152 -14.36 20.02 1.76
N LYS A 153 -14.38 21.08 2.53
CA LYS A 153 -13.74 21.09 3.84
C LYS A 153 -14.35 19.95 4.68
N ALA A 154 -15.67 19.79 4.57
CA ALA A 154 -16.37 18.75 5.31
C ALA A 154 -15.92 17.37 4.85
N ASP A 155 -15.75 17.19 3.55
CA ASP A 155 -15.30 15.91 3.03
C ASP A 155 -13.94 15.58 3.59
N ILE A 156 -13.08 16.58 3.67
CA ILE A 156 -11.73 16.39 4.21
C ILE A 156 -11.82 15.93 5.67
N ALA A 157 -12.66 16.58 6.46
CA ALA A 157 -12.82 16.21 7.86
C ALA A 157 -13.35 14.78 7.96
N GLN A 158 -14.28 14.43 7.08
CA GLN A 158 -14.86 13.09 7.08
C GLN A 158 -13.81 12.01 6.77
N VAL A 159 -13.05 12.23 5.71
CA VAL A 159 -12.04 11.26 5.32
C VAL A 159 -10.97 11.12 6.41
N ILE A 160 -10.56 12.22 7.04
CA ILE A 160 -9.60 12.11 8.12
C ILE A 160 -10.20 11.26 9.24
N ALA A 161 -11.47 11.50 9.56
CA ALA A 161 -12.14 10.73 10.61
C ALA A 161 -12.21 9.26 10.23
N ASP A 162 -12.45 8.98 8.95
CA ASP A 162 -12.53 7.60 8.48
C ASP A 162 -11.16 6.92 8.60
N TYR A 163 -10.09 7.64 8.26
CA TYR A 163 -8.74 7.09 8.37
C TYR A 163 -8.43 6.80 9.84
N ARG A 164 -8.74 7.77 10.71
CA ARG A 164 -8.47 7.62 12.13
C ARG A 164 -9.18 6.39 12.68
N GLN A 165 -10.46 6.26 12.37
CA GLN A 165 -11.21 5.12 12.86
C GLN A 165 -10.70 3.80 12.26
N ALA A 166 -10.29 3.84 10.99
CA ALA A 166 -9.78 2.64 10.33
C ALA A 166 -8.52 2.16 11.05
N ALA A 167 -7.71 3.08 11.54
CA ALA A 167 -6.49 2.70 12.24
C ALA A 167 -6.86 1.97 13.53
N LEU A 168 -7.86 2.48 14.25
CA LEU A 168 -8.31 1.84 15.47
C LEU A 168 -8.89 0.48 15.11
N ASN A 169 -9.63 0.41 14.01
CA ASN A 169 -10.21 -0.85 13.58
C ASN A 169 -9.11 -1.86 13.27
N ALA A 170 -8.01 -1.39 12.67
CA ALA A 170 -6.91 -2.28 12.34
C ALA A 170 -6.32 -2.86 13.62
N MET A 171 -6.20 -2.03 14.65
CA MET A 171 -5.66 -2.53 15.91
C MET A 171 -6.63 -3.53 16.53
N GLU A 172 -7.94 -3.26 16.41
CA GLU A 172 -8.92 -4.19 16.95
C GLU A 172 -8.85 -5.53 16.21
N ALA A 173 -8.48 -5.47 14.93
CA ALA A 173 -8.35 -6.67 14.10
C ALA A 173 -7.06 -7.43 14.36
N GLY A 174 -6.22 -6.89 15.23
CA GLY A 174 -4.96 -7.57 15.55
C GLY A 174 -3.76 -7.22 14.70
N PHE A 175 -3.88 -6.21 13.85
CA PHE A 175 -2.72 -5.82 13.05
C PHE A 175 -1.67 -5.20 13.97
N ASP A 176 -0.41 -5.27 13.55
CA ASP A 176 0.67 -4.68 14.34
C ASP A 176 0.85 -3.20 14.05
N GLY A 177 0.22 -2.74 12.98
CA GLY A 177 0.31 -1.34 12.61
C GLY A 177 -0.46 -1.13 11.33
N ILE A 178 -0.37 0.07 10.79
CA ILE A 178 -1.03 0.38 9.52
C ILE A 178 -0.07 1.08 8.60
N GLU A 179 -0.32 0.93 7.30
CA GLU A 179 0.45 1.63 6.29
C GLU A 179 -0.53 2.55 5.58
N LEU A 180 -0.23 3.84 5.55
CA LEU A 180 -1.11 4.76 4.85
C LEU A 180 -0.78 4.73 3.37
N HIS A 181 -1.74 4.37 2.54
CA HIS A 181 -1.48 4.34 1.09
C HIS A 181 -1.60 5.78 0.57
N ALA A 182 -0.46 6.45 0.46
CA ALA A 182 -0.45 7.82 -0.05
C ALA A 182 0.28 7.80 -1.39
N ALA A 183 0.27 6.63 -2.02
CA ALA A 183 0.98 6.43 -3.28
C ALA A 183 0.07 6.01 -4.43
N ASN A 184 0.71 5.58 -5.50
CA ASN A 184 0.10 5.08 -6.73
C ASN A 184 -1.15 5.76 -7.24
N GLY A 185 -1.14 7.09 -7.16
CA GLY A 185 -2.21 7.91 -7.67
C GLY A 185 -3.53 7.92 -6.94
N TYR A 186 -3.56 7.41 -5.71
CA TYR A 186 -4.82 7.40 -4.99
C TYR A 186 -5.13 8.73 -4.30
N LEU A 187 -6.14 8.77 -3.43
CA LEU A 187 -6.56 10.05 -2.88
C LEU A 187 -5.52 11.03 -2.36
N ILE A 188 -4.72 10.61 -1.39
CA ILE A 188 -3.73 11.53 -0.85
C ILE A 188 -2.73 11.96 -1.93
N ASN A 189 -2.38 11.01 -2.80
CA ASN A 189 -1.45 11.29 -3.89
C ASN A 189 -2.06 12.34 -4.84
N GLN A 190 -3.40 12.35 -4.93
CA GLN A 190 -4.11 13.32 -5.78
C GLN A 190 -3.99 14.74 -5.24
N PHE A 191 -3.60 14.86 -3.96
CA PHE A 191 -3.39 16.17 -3.35
C PHE A 191 -1.92 16.55 -3.44
N ILE A 192 -1.03 15.56 -3.24
CA ILE A 192 0.40 15.81 -3.27
C ILE A 192 0.96 16.26 -4.61
N ASP A 193 0.60 15.54 -5.66
CA ASP A 193 1.13 15.84 -6.99
C ASP A 193 0.49 17.06 -7.63
N SER A 194 1.33 18.01 -8.01
CA SER A 194 0.87 19.28 -8.58
C SER A 194 -0.09 19.21 -9.76
N GLU A 195 0.13 18.29 -10.70
CA GLU A 195 -0.72 18.23 -11.87
C GLU A 195 -2.08 17.58 -11.61
N ALA A 196 -2.27 17.06 -10.41
CA ALA A 196 -3.54 16.42 -10.07
C ALA A 196 -4.33 17.28 -9.08
N ASN A 197 -3.72 18.38 -8.66
CA ASN A 197 -4.32 19.26 -7.66
C ASN A 197 -4.46 20.70 -8.15
N ASN A 198 -5.67 21.12 -8.46
CA ASN A 198 -5.91 22.49 -8.93
C ASN A 198 -6.67 23.31 -7.87
N ARG A 199 -6.62 22.87 -6.62
CA ARG A 199 -7.33 23.57 -5.56
C ARG A 199 -6.76 24.96 -5.33
N SER A 200 -7.63 25.88 -4.95
CA SER A 200 -7.24 27.25 -4.67
C SER A 200 -7.27 27.55 -3.17
N ASP A 201 -7.68 26.57 -2.37
CA ASP A 201 -7.71 26.78 -0.93
C ASP A 201 -6.40 26.33 -0.30
N GLU A 202 -6.38 26.15 1.01
CA GLU A 202 -5.15 25.77 1.69
C GLU A 202 -4.65 24.35 1.42
N TYR A 203 -5.38 23.59 0.60
CA TYR A 203 -4.93 22.23 0.28
C TYR A 203 -4.35 22.12 -1.13
N GLY A 204 -4.11 23.26 -1.75
CA GLY A 204 -3.50 23.31 -3.08
C GLY A 204 -2.82 24.66 -3.26
N GLY A 205 -2.10 24.89 -4.34
CA GLY A 205 -1.53 26.23 -4.45
C GLY A 205 -0.10 26.50 -4.03
N SER A 206 0.45 25.59 -3.21
CA SER A 206 1.86 25.71 -2.75
C SER A 206 2.29 24.30 -2.33
N LEU A 207 3.59 24.08 -2.16
CA LEU A 207 4.08 22.77 -1.73
C LEU A 207 3.53 22.47 -0.34
N GLU A 208 3.57 23.45 0.55
CA GLU A 208 3.05 23.25 1.90
C GLU A 208 1.58 22.88 1.85
N ASN A 209 0.81 23.56 1.00
CA ASN A 209 -0.60 23.27 0.86
C ASN A 209 -0.86 21.87 0.30
N ARG A 210 -0.08 21.47 -0.70
CA ARG A 210 -0.26 20.15 -1.30
C ARG A 210 0.04 19.02 -0.34
N LEU A 211 0.93 19.26 0.62
CA LEU A 211 1.28 18.26 1.62
C LEU A 211 0.39 18.32 2.86
N ARG A 212 -0.51 19.31 2.92
CA ARG A 212 -1.36 19.49 4.09
C ARG A 212 -2.28 18.32 4.40
N PHE A 213 -2.95 17.78 3.39
CA PHE A 213 -3.86 16.65 3.64
C PHE A 213 -3.06 15.47 4.18
N LEU A 214 -1.91 15.18 3.57
CA LEU A 214 -1.05 14.09 4.05
C LEU A 214 -0.70 14.36 5.52
N ASP A 215 -0.28 15.59 5.80
CA ASP A 215 0.11 15.98 7.15
C ASP A 215 -1.00 15.75 8.17
N GLU A 216 -2.21 16.19 7.82
CA GLU A 216 -3.34 16.06 8.73
C GLU A 216 -3.81 14.61 8.89
N VAL A 217 -3.78 13.83 7.82
CA VAL A 217 -4.18 12.43 7.93
C VAL A 217 -3.16 11.70 8.81
N VAL A 218 -1.88 11.93 8.57
CA VAL A 218 -0.86 11.27 9.37
C VAL A 218 -0.96 11.69 10.83
N ALA A 219 -1.20 12.97 11.09
CA ALA A 219 -1.33 13.44 12.47
C ALA A 219 -2.44 12.67 13.17
N ALA A 220 -3.55 12.47 12.49
CA ALA A 220 -4.68 11.74 13.07
C ALA A 220 -4.35 10.27 13.31
N LEU A 221 -3.66 9.64 12.37
CA LEU A 221 -3.28 8.24 12.52
C LEU A 221 -2.35 8.06 13.71
N VAL A 222 -1.37 8.95 13.81
CA VAL A 222 -0.42 8.89 14.91
C VAL A 222 -1.13 9.13 16.24
N ASP A 223 -2.05 10.09 16.25
CA ASP A 223 -2.80 10.39 17.47
C ASP A 223 -3.59 9.17 17.90
N ALA A 224 -4.15 8.44 16.93
CA ALA A 224 -4.97 7.27 17.22
C ALA A 224 -4.21 6.06 17.73
N ILE A 225 -3.13 5.69 17.04
CA ILE A 225 -2.44 4.46 17.42
C ILE A 225 -0.94 4.52 17.73
N GLY A 226 -0.35 5.71 17.63
CA GLY A 226 1.06 5.84 17.92
C GLY A 226 1.93 5.81 16.68
N ALA A 227 2.92 6.68 16.64
CA ALA A 227 3.81 6.77 15.50
C ALA A 227 4.55 5.47 15.22
N GLU A 228 4.85 4.71 16.27
CA GLU A 228 5.55 3.45 16.11
C GLU A 228 4.74 2.40 15.37
N ARG A 229 3.45 2.67 15.15
CA ARG A 229 2.60 1.73 14.44
C ARG A 229 2.06 2.30 13.14
N VAL A 230 2.68 3.38 12.68
CA VAL A 230 2.26 4.02 11.44
C VAL A 230 3.37 4.10 10.40
N GLY A 231 3.11 3.50 9.24
CA GLY A 231 4.03 3.57 8.11
C GLY A 231 3.27 4.31 7.02
N VAL A 232 3.99 4.85 6.04
CA VAL A 232 3.35 5.58 4.95
C VAL A 232 4.01 5.19 3.64
N ARG A 233 3.20 5.01 2.60
CA ARG A 233 3.72 4.66 1.28
C ARG A 233 3.57 5.84 0.33
N LEU A 234 4.64 6.13 -0.41
CA LEU A 234 4.68 7.22 -1.39
C LEU A 234 5.19 6.71 -2.72
N ALA A 235 4.82 7.40 -3.80
CA ALA A 235 5.27 7.05 -5.15
C ALA A 235 5.71 8.35 -5.82
N PRO A 236 6.96 8.76 -5.56
CA PRO A 236 7.47 10.00 -6.13
C PRO A 236 7.52 10.15 -7.64
N LEU A 237 7.90 9.09 -8.33
CA LEU A 237 8.11 9.17 -9.77
C LEU A 237 7.20 8.37 -10.69
N THR A 238 6.53 7.35 -10.18
CA THR A 238 5.62 6.63 -11.06
C THR A 238 4.41 7.53 -11.31
N THR A 239 3.73 7.32 -12.42
CA THR A 239 2.60 8.17 -12.80
C THR A 239 1.49 7.36 -13.47
N LEU A 240 1.61 6.04 -13.42
CA LEU A 240 0.66 5.15 -14.06
C LEU A 240 -0.81 5.44 -13.79
N ASN A 241 -1.16 5.67 -12.53
CA ASN A 241 -2.55 5.94 -12.20
C ASN A 241 -2.99 7.38 -12.38
N GLY A 242 -2.18 8.16 -13.06
CA GLY A 242 -2.58 9.52 -13.37
C GLY A 242 -2.09 10.71 -12.58
N THR A 243 -1.24 10.50 -11.59
CA THR A 243 -0.74 11.62 -10.81
C THR A 243 0.71 11.93 -11.17
N VAL A 244 0.93 13.17 -11.58
CA VAL A 244 2.25 13.65 -11.95
C VAL A 244 2.54 14.91 -11.16
N ASP A 245 3.75 14.99 -10.62
CA ASP A 245 4.16 16.19 -9.90
C ASP A 245 5.22 16.88 -10.75
N ALA A 246 5.21 18.20 -10.77
CA ALA A 246 6.16 18.96 -11.59
C ALA A 246 7.61 18.94 -11.08
N ASP A 247 7.77 18.89 -9.77
CA ASP A 247 9.12 18.90 -9.16
C ASP A 247 9.10 17.82 -8.08
N PRO A 248 9.04 16.55 -8.49
CA PRO A 248 9.01 15.45 -7.50
C PRO A 248 10.15 15.36 -6.51
N ILE A 249 11.36 15.73 -6.93
CA ILE A 249 12.48 15.66 -6.01
C ILE A 249 12.21 16.59 -4.83
N LEU A 250 11.77 17.81 -5.11
CA LEU A 250 11.47 18.75 -4.04
C LEU A 250 10.25 18.29 -3.24
N THR A 251 9.17 17.98 -3.95
CA THR A 251 7.94 17.57 -3.27
C THR A 251 8.13 16.38 -2.36
N TYR A 252 8.78 15.35 -2.87
CA TYR A 252 8.94 14.14 -2.08
C TYR A 252 10.04 14.17 -1.04
N THR A 253 11.08 14.98 -1.26
CA THR A 253 12.10 15.09 -0.22
C THR A 253 11.42 15.86 0.92
N ALA A 254 10.60 16.86 0.56
CA ALA A 254 9.86 17.62 1.58
C ALA A 254 8.89 16.71 2.31
N ALA A 255 8.18 15.87 1.56
CA ALA A 255 7.23 14.95 2.18
C ALA A 255 7.94 14.00 3.13
N ALA A 256 9.11 13.52 2.71
CA ALA A 256 9.88 12.62 3.55
C ALA A 256 10.28 13.31 4.86
N ALA A 257 10.69 14.57 4.76
CA ALA A 257 11.10 15.31 5.96
C ALA A 257 9.90 15.58 6.86
N LEU A 258 8.75 15.84 6.24
CA LEU A 258 7.52 16.08 7.00
C LEU A 258 7.13 14.81 7.76
N LEU A 259 7.19 13.67 7.09
CA LEU A 259 6.85 12.41 7.72
C LEU A 259 7.86 12.07 8.80
N ASN A 260 9.11 12.49 8.61
CA ASN A 260 10.14 12.26 9.60
C ASN A 260 9.79 13.02 10.88
N LYS A 261 9.22 14.21 10.72
CA LYS A 261 8.84 15.02 11.87
C LYS A 261 7.76 14.31 12.70
N HIS A 262 6.90 13.56 12.02
CA HIS A 262 5.85 12.80 12.68
C HIS A 262 6.41 11.54 13.32
N ARG A 263 7.66 11.22 13.01
CA ARG A 263 8.32 10.04 13.55
C ARG A 263 7.62 8.74 13.14
N ILE A 264 7.05 8.71 11.93
CA ILE A 264 6.39 7.48 11.50
C ILE A 264 7.44 6.38 11.53
N VAL A 265 7.00 5.16 11.81
CA VAL A 265 7.93 4.05 11.95
C VAL A 265 8.64 3.61 10.66
N TYR A 266 7.99 3.78 9.52
CA TYR A 266 8.64 3.46 8.27
C TYR A 266 8.06 4.27 7.12
N LEU A 267 8.89 4.46 6.09
CA LEU A 267 8.49 5.14 4.88
C LEU A 267 8.74 4.10 3.79
N HIS A 268 7.72 3.86 2.97
CA HIS A 268 7.76 2.83 1.93
C HIS A 268 7.63 3.52 0.58
N ILE A 269 8.65 3.35 -0.25
CA ILE A 269 8.66 3.92 -1.57
C ILE A 269 8.27 2.89 -2.63
N ALA A 270 7.19 3.16 -3.34
CA ALA A 270 6.74 2.28 -4.43
C ALA A 270 7.52 2.79 -5.65
N GLU A 271 8.64 2.13 -5.92
CA GLU A 271 9.57 2.50 -6.98
C GLU A 271 9.14 2.13 -8.39
N VAL A 272 8.32 1.09 -8.50
CA VAL A 272 7.79 0.65 -9.78
C VAL A 272 6.33 0.31 -9.55
N ASP A 273 5.50 0.61 -10.53
CA ASP A 273 4.09 0.23 -10.46
C ASP A 273 3.84 -0.46 -11.79
N TRP A 274 3.64 -1.77 -11.73
CA TRP A 274 3.43 -2.61 -12.92
C TRP A 274 4.62 -2.46 -13.86
N ASP A 275 4.44 -1.81 -15.02
CA ASP A 275 5.57 -1.64 -15.94
C ASP A 275 6.11 -0.22 -15.93
N ASP A 276 5.57 0.62 -15.04
CA ASP A 276 6.01 1.99 -14.92
C ASP A 276 7.22 1.96 -13.98
N ALA A 277 8.40 1.93 -14.56
CA ALA A 277 9.66 1.85 -13.82
C ALA A 277 10.57 3.01 -14.17
N PRO A 278 10.22 4.21 -13.70
CA PRO A 278 11.04 5.40 -14.00
C PRO A 278 12.40 5.38 -13.34
N ASP A 279 13.37 6.03 -13.98
CA ASP A 279 14.71 6.10 -13.42
C ASP A 279 14.55 6.83 -12.09
N THR A 280 15.08 6.23 -11.04
CA THR A 280 15.01 6.79 -9.70
C THR A 280 16.46 6.98 -9.27
N PRO A 281 17.02 8.17 -9.55
CA PRO A 281 18.41 8.53 -9.23
C PRO A 281 18.87 8.18 -7.83
N VAL A 282 20.06 7.59 -7.74
CA VAL A 282 20.63 7.23 -6.46
C VAL A 282 20.79 8.50 -5.61
N SER A 283 21.12 9.62 -6.24
CA SER A 283 21.28 10.87 -5.49
C SER A 283 19.96 11.21 -4.80
N PHE A 284 18.84 10.95 -5.47
CA PHE A 284 17.53 11.22 -4.91
C PHE A 284 17.27 10.25 -3.76
N LYS A 285 17.59 8.98 -3.98
CA LYS A 285 17.41 8.00 -2.92
C LYS A 285 18.24 8.38 -1.70
N ARG A 286 19.45 8.87 -1.91
CA ARG A 286 20.25 9.25 -0.75
C ARG A 286 19.67 10.47 -0.05
N ALA A 287 19.06 11.38 -0.81
CA ALA A 287 18.42 12.54 -0.21
C ALA A 287 17.26 12.08 0.66
N LEU A 288 16.48 11.12 0.17
CA LEU A 288 15.36 10.59 0.96
C LEU A 288 15.87 9.93 2.23
N ARG A 289 17.02 9.27 2.14
CA ARG A 289 17.62 8.60 3.28
C ARG A 289 18.01 9.61 4.36
N GLU A 290 18.33 10.84 3.96
CA GLU A 290 18.68 11.86 4.96
C GLU A 290 17.43 12.59 5.45
N ALA A 291 16.45 12.74 4.57
CA ALA A 291 15.22 13.45 4.92
C ALA A 291 14.37 12.63 5.89
N TYR A 292 14.35 11.33 5.72
CA TYR A 292 13.57 10.43 6.58
C TYR A 292 14.54 9.46 7.22
N GLN A 293 14.58 9.44 8.55
CA GLN A 293 15.55 8.61 9.25
C GLN A 293 15.05 7.38 10.00
N GLY A 294 13.84 6.95 9.65
CA GLY A 294 13.29 5.74 10.24
C GLY A 294 13.60 4.57 9.32
N VAL A 295 12.77 3.53 9.34
CA VAL A 295 12.98 2.38 8.48
C VAL A 295 12.51 2.73 7.06
N LEU A 296 13.41 2.58 6.09
CA LEU A 296 13.10 2.91 4.72
C LEU A 296 12.95 1.66 3.88
N ILE A 297 11.78 1.51 3.27
CA ILE A 297 11.45 0.35 2.46
C ILE A 297 11.26 0.74 1.00
N TYR A 298 11.79 -0.07 0.08
CA TYR A 298 11.60 0.16 -1.34
C TYR A 298 11.05 -1.12 -1.96
N ALA A 299 10.17 -0.97 -2.94
CA ALA A 299 9.63 -2.11 -3.65
C ALA A 299 9.51 -1.73 -5.12
N GLY A 300 9.79 -2.69 -5.98
CA GLY A 300 9.68 -2.44 -7.42
C GLY A 300 10.78 -3.10 -8.22
N ARG A 301 10.47 -4.25 -8.82
CA ARG A 301 11.40 -4.99 -9.65
C ARG A 301 12.71 -5.37 -8.99
N TYR A 302 12.70 -5.60 -7.69
CA TYR A 302 13.92 -6.01 -7.03
C TYR A 302 14.11 -7.51 -7.14
N ASN A 303 15.37 -7.93 -7.18
CA ASN A 303 15.73 -9.34 -7.17
C ASN A 303 16.70 -9.43 -5.98
N ALA A 304 17.21 -10.61 -5.70
CA ALA A 304 18.11 -10.78 -4.56
C ALA A 304 19.34 -9.87 -4.61
N GLU A 305 19.98 -9.80 -5.76
CA GLU A 305 21.18 -8.98 -5.91
C GLU A 305 20.91 -7.49 -5.72
N LYS A 306 19.88 -6.98 -6.38
CA LYS A 306 19.54 -5.57 -6.27
C LYS A 306 19.08 -5.19 -4.87
N ALA A 307 18.37 -6.10 -4.21
CA ALA A 307 17.88 -5.84 -2.86
C ALA A 307 19.07 -5.73 -1.91
N GLU A 308 19.98 -6.71 -1.99
CA GLU A 308 21.16 -6.73 -1.14
C GLU A 308 21.99 -5.48 -1.39
N GLN A 309 22.16 -5.10 -2.66
CA GLN A 309 22.94 -3.92 -3.00
C GLN A 309 22.33 -2.64 -2.44
N ALA A 310 21.01 -2.51 -2.53
CA ALA A 310 20.35 -1.32 -2.02
C ALA A 310 20.58 -1.16 -0.53
N ILE A 311 20.52 -2.28 0.20
CA ILE A 311 20.74 -2.23 1.63
C ILE A 311 22.20 -1.93 1.94
N ASN A 312 23.12 -2.61 1.26
CA ASN A 312 24.53 -2.37 1.55
C ASN A 312 25.02 -1.01 1.12
N ASP A 313 24.35 -0.39 0.14
CA ASP A 313 24.74 0.95 -0.30
C ASP A 313 24.14 2.00 0.63
N GLY A 314 23.37 1.57 1.62
CA GLY A 314 22.76 2.50 2.56
C GLY A 314 21.55 3.25 2.04
N LEU A 315 20.88 2.69 1.04
CA LEU A 315 19.71 3.33 0.46
C LEU A 315 18.41 2.86 1.06
N ALA A 316 18.39 1.60 1.50
CA ALA A 316 17.18 1.03 2.05
C ALA A 316 17.48 0.14 3.23
N ASP A 317 16.49 -0.02 4.10
CA ASP A 317 16.64 -0.92 5.25
C ASP A 317 15.92 -2.22 4.95
N MET A 318 14.83 -2.15 4.18
CA MET A 318 14.05 -3.34 3.83
C MET A 318 13.65 -3.23 2.38
N ILE A 319 13.40 -4.38 1.77
CA ILE A 319 13.01 -4.42 0.37
C ILE A 319 11.79 -5.28 0.19
N GLY A 320 10.81 -4.76 -0.53
CA GLY A 320 9.60 -5.52 -0.80
C GLY A 320 9.70 -6.20 -2.16
N PHE A 321 9.13 -7.39 -2.24
CA PHE A 321 9.08 -8.17 -3.48
C PHE A 321 7.61 -8.49 -3.65
N GLY A 322 7.00 -7.91 -4.67
CA GLY A 322 5.58 -8.10 -4.88
C GLY A 322 5.22 -9.29 -5.72
N ARG A 323 5.33 -9.14 -7.03
CA ARG A 323 4.98 -10.24 -7.91
C ARG A 323 5.69 -11.56 -7.56
N PRO A 324 6.98 -11.51 -7.18
CA PRO A 324 7.61 -12.78 -6.82
C PRO A 324 6.95 -13.45 -5.60
N PHE A 325 6.42 -12.64 -4.67
CA PHE A 325 5.78 -13.21 -3.49
C PHE A 325 4.44 -13.84 -3.83
N ILE A 326 3.80 -13.37 -4.88
CA ILE A 326 2.53 -13.95 -5.29
C ILE A 326 2.75 -15.42 -5.68
N ALA A 327 3.78 -15.68 -6.47
CA ALA A 327 4.05 -17.02 -6.97
C ALA A 327 4.98 -17.86 -6.15
N ASN A 328 5.62 -17.29 -5.13
CA ASN A 328 6.56 -18.03 -4.30
C ASN A 328 6.24 -17.77 -2.85
N PRO A 329 5.42 -18.62 -2.24
CA PRO A 329 5.09 -18.38 -0.83
C PRO A 329 6.31 -18.42 0.07
N ASP A 330 7.30 -19.20 -0.33
CA ASP A 330 8.56 -19.34 0.38
C ASP A 330 9.65 -18.50 -0.30
N LEU A 331 9.28 -17.33 -0.77
CA LEU A 331 10.23 -16.47 -1.45
C LEU A 331 11.52 -16.24 -0.68
N PRO A 332 11.44 -15.95 0.64
CA PRO A 332 12.70 -15.72 1.36
C PRO A 332 13.67 -16.90 1.24
N GLU A 333 13.17 -18.11 1.47
CA GLU A 333 14.02 -19.30 1.35
C GLU A 333 14.63 -19.38 -0.03
N ARG A 334 13.84 -19.11 -1.06
CA ARG A 334 14.36 -19.18 -2.43
C ARG A 334 15.42 -18.11 -2.68
N LEU A 335 15.20 -16.90 -2.20
CA LEU A 335 16.18 -15.84 -2.39
C LEU A 335 17.49 -16.20 -1.69
N ARG A 336 17.38 -16.77 -0.50
CA ARG A 336 18.58 -17.12 0.27
C ARG A 336 19.40 -18.23 -0.37
N HIS A 337 18.71 -19.23 -0.91
CA HIS A 337 19.40 -20.34 -1.54
C HIS A 337 19.66 -20.17 -3.03
N GLY A 338 18.98 -19.23 -3.66
CA GLY A 338 19.15 -19.06 -5.09
C GLY A 338 18.30 -20.07 -5.84
N TYR A 339 17.21 -20.52 -5.22
CA TYR A 339 16.30 -21.47 -5.88
C TYR A 339 15.57 -20.68 -6.94
N PRO A 340 15.22 -21.34 -8.05
CA PRO A 340 14.49 -20.63 -9.10
C PRO A 340 13.11 -20.19 -8.62
N LEU A 341 12.69 -19.03 -9.09
CA LEU A 341 11.40 -18.47 -8.71
C LEU A 341 10.32 -18.80 -9.72
N ALA A 342 9.19 -19.26 -9.22
CA ALA A 342 8.06 -19.52 -10.10
C ALA A 342 7.56 -18.14 -10.52
N GLU A 343 6.84 -18.07 -11.64
CA GLU A 343 6.29 -16.79 -12.10
C GLU A 343 4.79 -16.83 -11.88
N HIS A 344 4.20 -15.67 -11.58
CA HIS A 344 2.77 -15.60 -11.34
C HIS A 344 1.97 -15.58 -12.64
N VAL A 345 0.70 -15.94 -12.51
CA VAL A 345 -0.23 -15.96 -13.63
C VAL A 345 -1.10 -14.71 -13.54
N PRO A 346 -0.93 -13.77 -14.48
CA PRO A 346 -1.72 -12.53 -14.45
C PRO A 346 -3.22 -12.73 -14.37
N ALA A 347 -3.74 -13.74 -15.08
CA ALA A 347 -5.17 -13.97 -15.09
C ALA A 347 -5.81 -14.31 -13.75
N THR A 348 -5.02 -14.72 -12.76
CA THR A 348 -5.58 -15.04 -11.45
C THR A 348 -5.16 -14.07 -10.36
N LEU A 349 -4.64 -12.91 -10.75
CA LEU A 349 -4.25 -11.92 -9.76
C LEU A 349 -5.46 -11.36 -9.03
N PHE A 350 -6.55 -11.13 -9.76
CA PHE A 350 -7.75 -10.52 -9.19
C PHE A 350 -9.01 -11.36 -9.33
N GLY A 351 -9.77 -11.46 -8.24
CA GLY A 351 -11.01 -12.20 -8.26
C GLY A 351 -10.80 -13.68 -8.19
N GLY A 352 -11.90 -14.44 -8.23
CA GLY A 352 -11.79 -15.87 -8.17
C GLY A 352 -11.64 -16.37 -6.74
N GLY A 353 -11.04 -17.56 -6.61
CA GLY A 353 -10.86 -18.16 -5.30
C GLY A 353 -9.43 -18.55 -5.01
N GLU A 354 -9.24 -19.75 -4.48
CA GLU A 354 -7.92 -20.23 -4.11
C GLU A 354 -6.95 -20.46 -5.26
N LYS A 355 -7.48 -20.73 -6.45
CA LYS A 355 -6.61 -20.96 -7.59
C LYS A 355 -5.86 -19.68 -7.93
N GLY A 356 -4.53 -19.78 -7.95
CA GLY A 356 -3.72 -18.61 -8.23
C GLY A 356 -3.54 -17.75 -7.00
N LEU A 357 -3.96 -18.25 -5.84
CA LEU A 357 -3.82 -17.52 -4.59
C LEU A 357 -3.05 -18.35 -3.57
N THR A 358 -3.60 -19.51 -3.19
CA THR A 358 -2.98 -20.35 -2.18
C THR A 358 -2.40 -21.66 -2.71
N ASP A 359 -2.47 -21.86 -4.02
CA ASP A 359 -1.96 -23.11 -4.56
C ASP A 359 -0.62 -23.03 -5.29
N TYR A 360 0.13 -21.97 -5.05
CA TYR A 360 1.48 -21.88 -5.60
C TYR A 360 2.27 -22.67 -4.56
N PRO A 361 2.95 -23.74 -4.97
CA PRO A 361 3.72 -24.53 -4.00
C PRO A 361 5.04 -23.96 -3.52
N THR A 362 5.51 -24.50 -2.41
CA THR A 362 6.79 -24.13 -1.88
C THR A 362 7.77 -24.87 -2.80
N TYR A 363 9.03 -24.47 -2.77
CA TYR A 363 10.03 -25.09 -3.63
C TYR A 363 10.32 -26.54 -3.31
N GLN A 364 10.41 -27.36 -4.36
CA GLN A 364 10.72 -28.78 -4.21
C GLN A 364 11.65 -29.14 -5.36
N ALA A 365 12.88 -29.49 -5.02
CA ALA A 365 13.86 -29.88 -6.03
C ALA A 365 13.41 -31.16 -6.72
C1 BOG B . -11.45 -23.45 5.50
O1 BOG B . -10.90 -23.30 6.81
C2 BOG B . -12.86 -22.87 5.54
O2 BOG B . -13.63 -23.52 6.54
C3 BOG B . -13.54 -23.04 4.17
O3 BOG B . -14.88 -22.56 4.26
C4 BOG B . -12.64 -22.34 3.13
O4 BOG B . -13.24 -22.52 1.84
C5 BOG B . -11.22 -22.95 3.16
O5 BOG B . -10.65 -22.77 4.49
C6 BOG B . -10.35 -22.24 2.12
O6 BOG B . -9.04 -22.80 2.13
C1' BOG B . -9.62 -23.93 6.84
C2' BOG B . -9.11 -23.84 8.31
C3' BOG B . -7.81 -24.55 8.44
C4' BOG B . -7.41 -24.50 9.91
C5' BOG B . -6.12 -25.28 10.11
C6' BOG B . -5.75 -25.25 11.59
C7' BOG B . -4.48 -26.03 11.81
C8' BOG B . -4.16 -26.00 13.29
S SO4 C . 19.43 -24.52 5.58
O1 SO4 C . 19.36 -23.22 4.88
O2 SO4 C . 20.62 -25.28 5.14
O3 SO4 C . 19.50 -24.24 7.03
O4 SO4 C . 18.21 -25.31 5.30
N1 FMN D . 0.47 -1.40 -4.15
C2 FMN D . -0.17 -0.82 -3.03
O2 FMN D . 0.29 0.10 -2.44
N3 FMN D . -1.46 -1.34 -2.66
C4 FMN D . -2.11 -2.35 -3.27
O4 FMN D . -3.30 -2.83 -2.81
C4A FMN D . -1.49 -2.88 -4.53
N5 FMN D . -2.08 -3.91 -5.19
C5A FMN D . -1.33 -4.60 -6.09
C6 FMN D . -1.89 -5.83 -6.69
C7 FMN D . -1.09 -6.68 -7.54
C7M FMN D . -1.69 -8.04 -7.90
C8 FMN D . 0.29 -6.39 -7.76
C8M FMN D . 1.30 -7.16 -8.65
C9 FMN D . 0.84 -5.13 -7.39
C9A FMN D . 0.04 -4.25 -6.44
N10 FMN D . 0.58 -3.13 -5.72
C10 FMN D . -0.11 -2.40 -4.80
C1' FMN D . 2.00 -2.71 -6.02
C2' FMN D . 2.99 -3.57 -5.21
O2' FMN D . 2.89 -3.37 -3.80
C3' FMN D . 4.45 -3.34 -5.62
O3' FMN D . 4.85 -2.00 -5.26
C4' FMN D . 4.68 -3.52 -7.11
O4' FMN D . 4.11 -4.78 -7.59
C5' FMN D . 6.14 -3.43 -7.49
O5' FMN D . 6.93 -4.51 -6.88
P FMN D . 7.30 -5.81 -7.69
O1P FMN D . 6.06 -6.62 -7.92
O2P FMN D . 7.98 -5.36 -8.97
O3P FMN D . 8.27 -6.55 -6.75
O1 PE4 E . -4.01 -1.81 -6.84
C1 PE4 E . -4.61 -2.83 -7.64
C2 PE4 E . -4.37 -2.47 -9.10
O2 PE4 E . -5.50 -2.74 -9.92
C3 PE4 E . -4.88 -3.41 -11.00
C4 PE4 E . -5.00 -3.12 -12.47
O3 PE4 E . -4.29 -4.31 -12.70
C5 PE4 E . -3.89 -5.17 -13.78
C6 PE4 E . -3.66 -4.51 -15.13
O4 PE4 E . -2.34 -4.03 -14.89
C7 PE4 E . -2.38 -2.94 -15.80
C8 PE4 E . -0.94 -2.47 -16.08
O5 PE4 E . -0.32 -2.91 -17.29
C9 PE4 E . 0.39 -4.07 -17.13
C10 PE4 E . 0.53 -5.41 -16.48
O6 PE4 E . 1.32 -6.23 -17.22
C11 PE4 E . 0.47 -7.05 -17.99
C12 PE4 E . -0.06 -7.04 -19.43
O7 PE4 E . -0.40 -6.42 -20.63
C13 PE4 E . -1.80 -6.64 -20.58
C14 PE4 E . -3.03 -7.22 -21.25
O8 PE4 E . -3.86 -8.34 -21.50
C15 PE4 E . -3.26 -9.61 -21.24
C16 PE4 E . -2.49 -10.11 -22.44
C TRS F . 2.53 24.23 -6.34
C1 TRS F . 3.61 25.22 -6.61
C2 TRS F . 2.01 23.52 -7.64
C3 TRS F . 1.43 24.88 -5.70
N TRS F . 3.02 23.31 -5.33
O1 TRS F . 4.63 24.57 -7.37
O2 TRS F . 0.93 22.58 -7.35
O3 TRS F . 0.37 23.99 -5.49
#